data_6T97
#
_entry.id   6T97
#
_cell.length_a   103.110
_cell.length_b   103.110
_cell.length_c   191.675
_cell.angle_alpha   90.000
_cell.angle_beta   90.000
_cell.angle_gamma   90.000
#
_symmetry.space_group_name_H-M   'P 41 21 2'
#
loop_
_entity.id
_entity.type
_entity.pdbx_description
1 polymer 'Trypanothione reductase'
2 non-polymer 'FLAVIN-ADENINE DINUCLEOTIDE'
3 non-polymer 'SULFATE ION'
4 non-polymer GLYCEROL
5 non-polymer 4-[1-[4-[4-(2-phenylethyl)-1,3-thiazol-2-yl]-3-(2-piperidin-4-ylethoxy)phenyl]-1,2,3-triazol-4-yl]butan-1-amine
6 water water
#
_entity_poly.entity_id   1
_entity_poly.type   'polypeptide(L)'
_entity_poly.pdbx_seq_one_letter_code
;PMSRAYDLVVLGAGSGGLEAGWNAAVTHKKKVAVVDVQATHGPPLFAALGGTCVNVGCVPKKLMVTGAQYMDLIRESGGF
GWEMDRESLCPNWKTLIAAKNKVVNSINESYKSMFADTEGLSFHMGFGALQDAHTVVVRKSEDPHSDVLETLDTEYILIA
TGSWPTRLGVPGDEFCITSNEAFYLEDAPKRMLCVGGGYIAVEFAGIFNGYKPCGGYVDLCYRGDLILRGFDTEVRKSLT
KQLGANGIRVRTNLNPTKITKNEDGSNHVHFNDGTEEDYDQVMLAIGRVPRSQALQLDKAGVRTGKNGAVQVDAYSKTSV
DNIYAIGDVTNRVMLTPVAINEGAAFVETVFGGKPRATDHTKVACAVFSIPPIGTCGMTEEEAAKNYETVAVYASSFTPL
MHNISGSKHKEFMIRIITNESNGEVLGVHMLGDSAPEIIQSVGICMKMGAKISDFHSTIGVHPTSAEELCSMRTPAYFYE
SGKRVEKLS
;
_entity_poly.pdbx_strand_id   A
#
loop_
_chem_comp.id
_chem_comp.type
_chem_comp.name
_chem_comp.formula
FAD non-polymer 'FLAVIN-ADENINE DINUCLEOTIDE' 'C27 H33 N9 O15 P2'
GOL non-polymer GLYCEROL 'C3 H8 O3'
MWW non-polymer 4-[1-[4-[4-(2-phenylethyl)-1,3-thiazol-2-yl]-3-(2-piperidin-4-ylethoxy)phenyl]-1,2,3-triazol-4-yl]butan-1-amine 'C30 H38 N6 O S'
SO4 non-polymer 'SULFATE ION' 'O4 S -2'
#
# COMPACT_ATOMS: atom_id res chain seq x y z
N PRO A 1 14.20 -2.37 39.14
CA PRO A 1 12.99 -1.76 39.71
C PRO A 1 11.73 -2.52 39.29
N MET A 2 10.95 -2.98 40.27
CA MET A 2 9.69 -3.74 40.01
C MET A 2 8.49 -2.79 40.11
N SER A 3 8.29 -1.94 39.10
CA SER A 3 7.18 -0.98 39.10
C SER A 3 6.42 -1.13 37.77
N ARG A 4 5.08 -1.05 37.82
CA ARG A 4 4.18 -1.13 36.62
C ARG A 4 4.18 -2.55 36.04
N ALA A 5 2.99 -3.05 35.72
CA ALA A 5 2.73 -4.39 35.13
C ALA A 5 3.63 -4.61 33.90
N TYR A 6 3.63 -3.70 32.94
CA TYR A 6 4.30 -3.85 31.62
C TYR A 6 5.28 -2.69 31.40
N ASP A 7 6.44 -2.98 30.80
CA ASP A 7 7.42 -1.98 30.30
C ASP A 7 6.79 -1.24 29.12
N LEU A 8 6.04 -1.96 28.28
CA LEU A 8 5.52 -1.44 26.99
C LEU A 8 4.12 -1.98 26.71
N VAL A 9 3.18 -1.08 26.42
CA VAL A 9 1.85 -1.43 25.86
C VAL A 9 1.82 -0.92 24.43
N VAL A 10 1.39 -1.77 23.50
CA VAL A 10 1.35 -1.48 22.04
C VAL A 10 -0.11 -1.51 21.61
N LEU A 11 -0.70 -0.35 21.30
CA LEU A 11 -2.05 -0.26 20.71
C LEU A 11 -1.90 -0.58 19.22
N GLY A 12 -2.47 -1.69 18.78
CA GLY A 12 -2.35 -2.15 17.39
C GLY A 12 -1.29 -3.23 17.28
N ALA A 13 -1.74 -4.44 16.92
CA ALA A 13 -0.90 -5.63 16.65
C ALA A 13 -0.71 -5.77 15.14
N GLY A 14 -0.22 -4.72 14.49
CA GLY A 14 0.03 -4.68 13.03
C GLY A 14 1.50 -4.74 12.69
N SER A 15 1.87 -4.28 11.50
CA SER A 15 3.25 -4.31 10.97
C SER A 15 4.20 -3.62 11.94
N GLY A 16 3.86 -2.42 12.39
CA GLY A 16 4.66 -1.64 13.34
C GLY A 16 4.63 -2.23 14.74
N GLY A 17 3.42 -2.52 15.24
CA GLY A 17 3.18 -3.03 16.60
C GLY A 17 3.95 -4.31 16.88
N LEU A 18 3.70 -5.34 16.09
CA LEU A 18 4.25 -6.70 16.34
C LEU A 18 5.78 -6.65 16.27
N GLU A 19 6.37 -6.01 15.27
CA GLU A 19 7.85 -5.83 15.19
C GLU A 19 8.37 -5.31 16.53
N ALA A 20 7.80 -4.19 17.00
CA ALA A 20 8.20 -3.49 18.24
C ALA A 20 8.00 -4.44 19.42
N GLY A 21 6.77 -4.93 19.59
CA GLY A 21 6.45 -5.85 20.70
C GLY A 21 7.42 -7.00 20.76
N TRP A 22 7.62 -7.67 19.63
CA TRP A 22 8.42 -8.91 19.53
C TRP A 22 9.89 -8.59 19.83
N ASN A 23 10.44 -7.51 19.27
CA ASN A 23 11.86 -7.11 19.53
C ASN A 23 12.03 -6.86 21.02
N ALA A 24 11.22 -5.95 21.57
CA ALA A 24 11.22 -5.56 23.00
C ALA A 24 11.22 -6.82 23.89
N ALA A 25 10.38 -7.81 23.56
CA ALA A 25 10.18 -9.03 24.37
C ALA A 25 11.38 -9.97 24.29
N VAL A 26 11.89 -10.31 23.10
CA VAL A 26 12.87 -11.42 22.96
C VAL A 26 14.30 -10.87 23.07
N THR A 27 14.62 -9.78 22.38
CA THR A 27 16.01 -9.25 22.33
C THR A 27 16.30 -8.41 23.59
N HIS A 28 15.29 -7.82 24.25
CA HIS A 28 15.48 -6.97 25.47
C HIS A 28 14.69 -7.47 26.68
N LYS A 29 14.19 -8.71 26.67
CA LYS A 29 13.57 -9.38 27.85
C LYS A 29 12.66 -8.40 28.61
N LYS A 30 11.88 -7.59 27.90
CA LYS A 30 10.94 -6.61 28.50
C LYS A 30 9.57 -7.27 28.59
N LYS A 31 8.66 -6.72 29.40
CA LYS A 31 7.27 -7.26 29.55
C LYS A 31 6.36 -6.38 28.70
N VAL A 32 5.78 -6.99 27.67
CA VAL A 32 5.14 -6.30 26.51
C VAL A 32 3.72 -6.80 26.38
N ALA A 33 2.77 -5.87 26.33
CA ALA A 33 1.32 -6.14 26.13
C ALA A 33 0.94 -5.60 24.76
N VAL A 34 0.25 -6.39 23.94
CA VAL A 34 -0.08 -6.00 22.55
C VAL A 34 -1.60 -6.08 22.39
N VAL A 35 -2.23 -4.93 22.14
CA VAL A 35 -3.70 -4.79 22.06
C VAL A 35 -4.14 -4.79 20.60
N ASP A 36 -5.13 -5.61 20.26
CA ASP A 36 -5.83 -5.55 18.94
C ASP A 36 -7.26 -6.05 19.15
N VAL A 37 -8.11 -5.91 18.13
CA VAL A 37 -9.58 -5.92 18.32
C VAL A 37 -10.13 -7.33 18.07
N GLN A 38 -9.38 -8.15 17.34
CA GLN A 38 -9.74 -9.56 17.05
C GLN A 38 -8.46 -10.31 16.65
N ALA A 39 -8.45 -11.64 16.79
CA ALA A 39 -7.27 -12.49 16.57
C ALA A 39 -7.26 -13.06 15.16
N THR A 40 -8.40 -13.06 14.48
CA THR A 40 -8.61 -13.62 13.12
C THR A 40 -9.19 -12.53 12.20
N HIS A 41 -8.74 -12.52 10.95
CA HIS A 41 -9.21 -11.58 9.89
C HIS A 41 -10.72 -11.72 9.73
N GLY A 42 -11.37 -10.67 9.22
CA GLY A 42 -12.74 -10.73 8.69
C GLY A 42 -13.67 -9.68 9.28
N PRO A 43 -14.89 -9.57 8.72
CA PRO A 43 -15.91 -8.64 9.21
C PRO A 43 -16.39 -8.99 10.61
N PRO A 44 -16.86 -7.99 11.40
CA PRO A 44 -17.10 -6.64 10.90
C PRO A 44 -15.94 -5.63 11.09
N LEU A 45 -14.81 -6.07 11.64
CA LEU A 45 -13.69 -5.19 12.10
C LEU A 45 -12.51 -5.24 11.10
N PHE A 46 -12.40 -6.37 10.36
CA PHE A 46 -11.48 -6.64 9.20
C PHE A 46 -10.03 -6.85 9.67
N ALA A 47 -9.38 -5.78 10.13
CA ALA A 47 -8.03 -5.83 10.71
C ALA A 47 -8.07 -6.78 11.90
N ALA A 48 -6.89 -7.25 12.32
CA ALA A 48 -6.74 -8.29 13.35
C ALA A 48 -5.25 -8.39 13.69
N LEU A 49 -4.93 -9.18 14.72
CA LEU A 49 -3.58 -9.76 14.92
C LEU A 49 -2.90 -9.94 13.55
N GLY A 50 -1.75 -9.28 13.36
CA GLY A 50 -0.98 -9.26 12.11
C GLY A 50 -1.12 -7.92 11.42
N GLY A 51 -2.28 -7.28 11.56
CA GLY A 51 -2.54 -5.91 11.10
C GLY A 51 -3.17 -5.87 9.72
N THR A 52 -3.26 -4.66 9.15
CA THR A 52 -3.99 -4.34 7.89
C THR A 52 -3.34 -5.13 6.75
N CYS A 53 -2.01 -5.07 6.66
CA CYS A 53 -1.21 -5.73 5.60
C CYS A 53 -1.56 -7.21 5.46
N VAL A 54 -1.49 -7.97 6.55
CA VAL A 54 -1.70 -9.45 6.63
C VAL A 54 -3.16 -9.81 6.37
N ASN A 55 -4.08 -9.00 6.89
CA ASN A 55 -5.51 -9.34 7.04
C ASN A 55 -6.33 -8.76 5.87
N VAL A 56 -6.08 -7.51 5.47
CA VAL A 56 -6.90 -6.77 4.45
C VAL A 56 -6.02 -5.78 3.69
N GLY A 57 -4.83 -6.21 3.26
CA GLY A 57 -3.85 -5.31 2.62
C GLY A 57 -2.86 -6.06 1.72
N CYS A 58 -1.57 -5.73 1.82
CA CYS A 58 -0.47 -6.26 0.96
C CYS A 58 -0.72 -7.74 0.64
N VAL A 59 -0.82 -8.59 1.67
CA VAL A 59 -0.79 -10.08 1.52
C VAL A 59 -2.00 -10.56 0.71
N PRO A 60 -3.26 -10.41 1.19
CA PRO A 60 -4.41 -10.92 0.45
C PRO A 60 -4.52 -10.24 -0.92
N LYS A 61 -4.23 -8.94 -0.98
CA LYS A 61 -4.26 -8.17 -2.25
C LYS A 61 -3.37 -8.84 -3.30
N LYS A 62 -2.10 -9.07 -2.98
CA LYS A 62 -1.15 -9.66 -3.96
C LYS A 62 -1.60 -11.07 -4.35
N LEU A 63 -2.09 -11.87 -3.40
CA LEU A 63 -2.67 -13.21 -3.71
C LEU A 63 -3.70 -13.04 -4.83
N MET A 64 -4.59 -12.06 -4.71
CA MET A 64 -5.70 -11.82 -5.67
C MET A 64 -5.17 -11.22 -6.98
N VAL A 65 -4.17 -10.33 -6.91
CA VAL A 65 -3.52 -9.76 -8.13
C VAL A 65 -2.91 -10.90 -8.93
N THR A 66 -2.18 -11.78 -8.25
CA THR A 66 -1.59 -13.03 -8.80
C THR A 66 -2.69 -13.83 -9.52
N GLY A 67 -3.85 -13.98 -8.87
CA GLY A 67 -5.01 -14.69 -9.43
C GLY A 67 -5.44 -14.09 -10.75
N ALA A 68 -5.65 -12.77 -10.78
CA ALA A 68 -6.18 -12.06 -11.95
C ALA A 68 -5.18 -12.11 -13.12
N GLN A 69 -3.88 -12.21 -12.83
CA GLN A 69 -2.83 -12.28 -13.87
C GLN A 69 -3.06 -13.51 -14.75
N TYR A 70 -3.60 -14.59 -14.20
CA TYR A 70 -3.76 -15.86 -14.93
C TYR A 70 -4.63 -15.60 -16.16
N MET A 71 -5.56 -14.64 -16.08
CA MET A 71 -6.41 -14.23 -17.24
C MET A 71 -5.50 -13.88 -18.41
N ASP A 72 -4.49 -13.04 -18.17
CA ASP A 72 -3.55 -12.55 -19.20
C ASP A 72 -2.67 -13.71 -19.64
N LEU A 73 -2.10 -14.42 -18.67
CA LEU A 73 -1.12 -15.51 -18.90
C LEU A 73 -1.74 -16.62 -19.72
N ILE A 74 -3.02 -16.89 -19.51
CA ILE A 74 -3.74 -17.97 -20.23
C ILE A 74 -3.96 -17.51 -21.66
N ARG A 75 -4.40 -16.26 -21.86
CA ARG A 75 -4.52 -15.63 -23.20
C ARG A 75 -3.19 -15.82 -23.91
N GLU A 76 -2.10 -15.44 -23.24
CA GLU A 76 -0.74 -15.35 -23.81
C GLU A 76 -0.20 -16.72 -24.20
N SER A 77 -0.58 -17.78 -23.47
CA SER A 77 -0.05 -19.15 -23.70
C SER A 77 -0.34 -19.61 -25.13
N GLY A 78 -1.39 -19.10 -25.77
CA GLY A 78 -1.87 -19.57 -27.08
C GLY A 78 -0.83 -19.35 -28.16
N GLY A 79 -0.21 -18.17 -28.17
CA GLY A 79 0.87 -17.84 -29.10
C GLY A 79 2.01 -18.85 -29.04
N PHE A 80 2.27 -19.42 -27.87
CA PHE A 80 3.36 -20.39 -27.61
C PHE A 80 2.87 -21.83 -27.87
N GLY A 81 1.63 -21.94 -28.33
CA GLY A 81 1.08 -23.18 -28.89
C GLY A 81 0.34 -23.98 -27.85
N TRP A 82 -0.27 -23.32 -26.87
CA TRP A 82 -1.12 -24.00 -25.86
C TRP A 82 -2.56 -23.95 -26.34
N GLU A 83 -2.95 -24.94 -27.15
CA GLU A 83 -4.36 -25.15 -27.57
C GLU A 83 -5.12 -25.64 -26.34
N MET A 84 -6.31 -25.06 -26.10
CA MET A 84 -7.25 -25.43 -25.01
C MET A 84 -8.46 -24.50 -25.12
N ASP A 85 -9.68 -25.00 -24.84
CA ASP A 85 -10.92 -24.21 -25.03
C ASP A 85 -10.89 -22.88 -24.27
N ARG A 86 -10.93 -21.77 -25.01
CA ARG A 86 -10.91 -20.40 -24.42
C ARG A 86 -12.33 -19.93 -24.13
N GLU A 87 -13.34 -20.67 -24.60
CA GLU A 87 -14.74 -20.27 -24.32
C GLU A 87 -15.04 -20.71 -22.88
N SER A 88 -14.39 -21.80 -22.47
CA SER A 88 -14.46 -22.37 -21.10
C SER A 88 -13.41 -21.64 -20.24
N LEU A 89 -13.57 -20.34 -20.02
CA LEU A 89 -12.58 -19.58 -19.22
C LEU A 89 -13.24 -18.44 -18.46
N CYS A 90 -13.94 -18.81 -17.40
CA CYS A 90 -14.56 -17.87 -16.44
C CYS A 90 -14.00 -18.22 -15.06
N PRO A 91 -13.24 -17.31 -14.40
CA PRO A 91 -12.59 -17.64 -13.14
C PRO A 91 -13.62 -17.72 -12.02
N ASN A 92 -13.52 -18.77 -11.20
CA ASN A 92 -14.38 -18.98 -10.00
C ASN A 92 -13.83 -18.13 -8.85
N TRP A 93 -14.56 -17.07 -8.49
CA TRP A 93 -14.17 -16.07 -7.46
C TRP A 93 -14.25 -16.68 -6.07
N LYS A 94 -15.24 -17.52 -5.83
CA LYS A 94 -15.48 -18.19 -4.53
C LYS A 94 -14.25 -19.03 -4.19
N THR A 95 -13.66 -19.76 -5.16
CA THR A 95 -12.48 -20.64 -4.90
C THR A 95 -11.30 -19.74 -4.52
N LEU A 96 -11.18 -18.55 -5.08
CA LEU A 96 -10.05 -17.61 -4.80
C LEU A 96 -10.12 -17.12 -3.36
N ILE A 97 -11.30 -16.64 -2.96
CA ILE A 97 -11.56 -16.07 -1.61
C ILE A 97 -11.30 -17.16 -0.57
N ALA A 98 -11.89 -18.35 -0.74
CA ALA A 98 -11.69 -19.53 0.13
C ALA A 98 -10.18 -19.70 0.36
N ALA A 99 -9.43 -19.89 -0.72
CA ALA A 99 -7.96 -20.03 -0.72
C ALA A 99 -7.32 -18.84 0.02
N LYS A 100 -7.68 -17.61 -0.33
CA LYS A 100 -7.07 -16.41 0.29
C LYS A 100 -7.36 -16.39 1.80
N ASN A 101 -8.60 -16.68 2.22
CA ASN A 101 -9.02 -16.81 3.64
C ASN A 101 -8.18 -17.89 4.34
N LYS A 102 -8.03 -19.08 3.74
CA LYS A 102 -7.20 -20.18 4.28
C LYS A 102 -5.81 -19.62 4.62
N VAL A 103 -5.23 -18.83 3.73
CA VAL A 103 -3.80 -18.37 3.84
C VAL A 103 -3.69 -17.37 4.98
N VAL A 104 -4.57 -16.36 4.99
CA VAL A 104 -4.59 -15.30 6.04
C VAL A 104 -4.85 -15.97 7.40
N ASN A 105 -5.74 -16.96 7.40
CA ASN A 105 -6.15 -17.66 8.64
C ASN A 105 -4.92 -18.32 9.27
N SER A 106 -4.08 -18.93 8.45
CA SER A 106 -2.90 -19.70 8.92
C SER A 106 -1.87 -18.74 9.51
N ILE A 107 -1.89 -17.48 9.06
CA ILE A 107 -0.93 -16.43 9.55
C ILE A 107 -1.43 -16.00 10.93
N ASN A 108 -2.70 -15.66 11.04
CA ASN A 108 -3.38 -15.36 12.33
C ASN A 108 -3.08 -16.47 13.35
N GLU A 109 -3.20 -17.73 12.91
CA GLU A 109 -2.94 -18.94 13.74
C GLU A 109 -1.48 -18.97 14.16
N SER A 110 -0.57 -18.56 13.27
CA SER A 110 0.88 -18.64 13.56
C SER A 110 1.28 -17.50 14.49
N TYR A 111 0.45 -16.46 14.58
CA TYR A 111 0.65 -15.31 15.50
C TYR A 111 0.12 -15.64 16.89
N LYS A 112 -0.84 -16.55 17.03
CA LYS A 112 -1.29 -17.03 18.36
C LYS A 112 -0.19 -17.92 18.93
N SER A 113 0.39 -18.80 18.12
CA SER A 113 1.57 -19.64 18.47
C SER A 113 2.67 -18.73 19.02
N MET A 114 2.92 -17.59 18.36
CA MET A 114 3.99 -16.63 18.73
C MET A 114 3.82 -16.17 20.17
N PHE A 115 2.60 -15.79 20.54
CA PHE A 115 2.29 -15.19 21.86
C PHE A 115 2.42 -16.25 22.95
N ALA A 116 1.61 -17.30 22.90
CA ALA A 116 1.64 -18.43 23.87
C ALA A 116 3.10 -18.85 24.08
N ASP A 117 3.88 -19.00 23.01
CA ASP A 117 5.27 -19.58 23.02
C ASP A 117 6.32 -18.56 23.49
N THR A 118 6.13 -17.25 23.24
CA THR A 118 7.13 -16.18 23.56
C THR A 118 6.92 -15.60 24.97
N GLU A 119 7.97 -15.61 25.80
CA GLU A 119 7.91 -15.23 27.24
C GLU A 119 7.87 -13.70 27.38
N GLY A 120 6.97 -13.17 28.22
CA GLY A 120 6.88 -11.73 28.54
C GLY A 120 6.16 -10.92 27.46
N LEU A 121 5.55 -11.60 26.48
CA LEU A 121 4.78 -10.98 25.38
C LEU A 121 3.35 -11.53 25.42
N SER A 122 2.38 -10.74 25.87
CA SER A 122 0.95 -11.12 26.03
C SER A 122 0.11 -10.36 25.00
N PHE A 123 -1.02 -10.95 24.59
CA PHE A 123 -1.97 -10.34 23.62
C PHE A 123 -3.29 -10.05 24.35
N HIS A 124 -3.76 -8.80 24.23
CA HIS A 124 -4.96 -8.27 24.95
C HIS A 124 -5.99 -7.82 23.92
N MET A 125 -7.09 -8.56 23.80
CA MET A 125 -8.10 -8.36 22.73
C MET A 125 -9.18 -7.40 23.21
N GLY A 126 -9.26 -6.27 22.51
CA GLY A 126 -10.32 -5.27 22.69
C GLY A 126 -9.91 -3.96 22.05
N PHE A 127 -10.41 -2.87 22.58
CA PHE A 127 -10.18 -1.50 22.05
C PHE A 127 -9.37 -0.71 23.06
N GLY A 128 -8.08 -0.52 22.74
CA GLY A 128 -7.18 0.39 23.45
C GLY A 128 -7.67 1.83 23.40
N ALA A 129 -7.38 2.56 24.48
CA ALA A 129 -7.63 4.00 24.66
C ALA A 129 -6.74 4.49 25.81
N LEU A 130 -6.17 5.68 25.71
CA LEU A 130 -5.31 6.21 26.79
C LEU A 130 -6.21 6.73 27.93
N GLN A 131 -5.72 6.70 29.17
CA GLN A 131 -6.38 7.31 30.36
C GLN A 131 -5.46 8.38 30.94
N ASP A 132 -4.19 8.01 31.10
CA ASP A 132 -3.08 8.95 31.40
C ASP A 132 -1.86 8.43 30.62
N ALA A 133 -0.70 9.03 30.86
CA ALA A 133 0.56 8.72 30.14
C ALA A 133 1.03 7.30 30.45
N HIS A 134 0.57 6.69 31.54
CA HIS A 134 1.09 5.37 32.02
C HIS A 134 -0.01 4.31 32.07
N THR A 135 -1.21 4.60 31.55
CA THR A 135 -2.39 3.69 31.65
C THR A 135 -3.14 3.61 30.33
N VAL A 136 -3.25 2.40 29.79
CA VAL A 136 -4.05 2.07 28.57
C VAL A 136 -5.21 1.20 29.02
N VAL A 137 -6.43 1.57 28.66
CA VAL A 137 -7.65 0.79 28.99
C VAL A 137 -8.08 0.04 27.73
N VAL A 138 -8.52 -1.21 27.91
CA VAL A 138 -9.03 -2.10 26.83
C VAL A 138 -10.54 -2.29 27.08
N ARG A 139 -11.37 -1.97 26.09
CA ARG A 139 -12.86 -2.02 26.18
C ARG A 139 -13.41 -3.06 25.22
N LYS A 140 -14.64 -3.53 25.47
CA LYS A 140 -15.36 -4.56 24.67
C LYS A 140 -15.59 -4.02 23.25
N SER A 141 -16.09 -2.78 23.16
CA SER A 141 -16.39 -2.02 21.93
C SER A 141 -15.65 -0.66 22.02
N GLU A 142 -15.61 0.11 20.92
CA GLU A 142 -14.86 1.40 20.83
C GLU A 142 -15.67 2.53 21.48
N ASP A 143 -16.99 2.32 21.65
CA ASP A 143 -17.90 3.16 22.49
C ASP A 143 -17.25 3.34 23.86
N PRO A 144 -16.78 4.54 24.24
CA PRO A 144 -15.97 4.70 25.46
C PRO A 144 -16.74 4.58 26.79
N HIS A 145 -17.97 4.05 26.75
CA HIS A 145 -18.76 3.62 27.94
C HIS A 145 -18.99 2.11 27.89
N SER A 146 -18.29 1.39 27.01
CA SER A 146 -18.26 -0.10 26.95
C SER A 146 -17.66 -0.64 28.23
N ASP A 147 -18.07 -1.85 28.62
CA ASP A 147 -17.44 -2.59 29.73
C ASP A 147 -15.92 -2.57 29.52
N VAL A 148 -15.17 -2.25 30.58
CA VAL A 148 -13.68 -2.22 30.58
C VAL A 148 -13.16 -3.64 30.87
N LEU A 149 -12.30 -4.17 30.02
CA LEU A 149 -11.80 -5.58 30.08
C LEU A 149 -10.50 -5.66 30.86
N GLU A 150 -9.62 -4.66 30.68
CA GLU A 150 -8.27 -4.61 31.29
C GLU A 150 -7.83 -3.16 31.41
N THR A 151 -7.10 -2.84 32.47
CA THR A 151 -6.37 -1.57 32.67
C THR A 151 -4.89 -1.94 32.74
N LEU A 152 -4.13 -1.60 31.69
CA LEU A 152 -2.71 -1.99 31.55
C LEU A 152 -1.84 -0.86 32.10
N ASP A 153 -1.19 -1.11 33.23
CA ASP A 153 -0.28 -0.11 33.84
C ASP A 153 1.09 -0.30 33.20
N THR A 154 1.61 0.72 32.54
CA THR A 154 2.78 0.58 31.66
C THR A 154 3.69 1.80 31.70
N GLU A 155 4.99 1.56 31.52
CA GLU A 155 6.07 2.58 31.54
C GLU A 155 6.08 3.32 30.20
N TYR A 156 6.03 2.61 29.06
CA TYR A 156 6.01 3.18 27.69
C TYR A 156 4.72 2.78 26.99
N ILE A 157 4.19 3.67 26.14
CA ILE A 157 3.04 3.39 25.23
C ILE A 157 3.50 3.61 23.78
N LEU A 158 3.16 2.69 22.88
CA LEU A 158 3.42 2.77 21.41
C LEU A 158 2.09 2.69 20.66
N ILE A 159 1.69 3.79 20.02
CA ILE A 159 0.43 3.89 19.22
C ILE A 159 0.78 3.45 17.81
N ALA A 160 0.16 2.36 17.33
CA ALA A 160 0.41 1.73 16.02
C ALA A 160 -0.93 1.16 15.54
N THR A 161 -1.96 2.00 15.55
CA THR A 161 -3.36 1.63 15.24
C THR A 161 -3.62 1.80 13.73
N GLY A 162 -2.59 2.16 12.96
CA GLY A 162 -2.65 2.26 11.50
C GLY A 162 -3.67 3.29 11.02
N SER A 163 -4.39 2.95 9.95
CA SER A 163 -5.27 3.85 9.19
C SER A 163 -6.52 3.10 8.73
N TRP A 164 -7.43 3.82 8.07
CA TRP A 164 -8.82 3.40 7.79
C TRP A 164 -9.33 4.11 6.54
N PRO A 165 -10.10 3.45 5.65
CA PRO A 165 -10.44 4.02 4.35
C PRO A 165 -11.30 5.26 4.60
N THR A 166 -11.15 6.30 3.76
CA THR A 166 -12.01 7.51 3.78
C THR A 166 -13.26 7.29 2.92
N ARG A 167 -14.36 7.88 3.38
CA ARG A 167 -15.68 7.78 2.72
C ARG A 167 -15.88 9.02 1.84
N LEU A 168 -16.90 8.99 1.00
CA LEU A 168 -17.13 10.00 -0.06
C LEU A 168 -18.05 11.11 0.47
N GLY A 169 -18.88 10.79 1.46
CA GLY A 169 -19.77 11.75 2.15
C GLY A 169 -20.75 12.43 1.19
N VAL A 170 -21.54 11.63 0.45
CA VAL A 170 -22.64 12.10 -0.43
C VAL A 170 -23.86 11.25 -0.16
N PRO A 171 -25.08 11.72 -0.52
CA PRO A 171 -26.26 10.84 -0.50
C PRO A 171 -25.96 9.57 -1.32
N GLY A 172 -25.81 8.43 -0.64
CA GLY A 172 -25.60 7.11 -1.25
C GLY A 172 -24.31 6.43 -0.81
N ASP A 173 -23.51 7.10 0.02
CA ASP A 173 -22.14 6.68 0.44
C ASP A 173 -22.18 5.30 1.10
N GLU A 174 -23.21 5.01 1.90
CA GLU A 174 -23.33 3.79 2.74
C GLU A 174 -23.58 2.56 1.86
N PHE A 175 -23.95 2.73 0.59
CA PHE A 175 -24.24 1.62 -0.37
C PHE A 175 -22.98 1.17 -1.10
N CYS A 176 -21.89 1.94 -0.97
CA CYS A 176 -20.57 1.66 -1.59
C CYS A 176 -19.76 0.77 -0.65
N ILE A 177 -18.71 0.12 -1.17
CA ILE A 177 -17.76 -0.73 -0.40
C ILE A 177 -16.38 -0.08 -0.45
N THR A 178 -15.39 -0.70 0.21
CA THR A 178 -13.96 -0.29 0.26
C THR A 178 -13.07 -1.52 0.15
N SER A 179 -11.75 -1.36 0.32
CA SER A 179 -10.77 -2.46 0.34
C SER A 179 -11.29 -3.53 1.30
N ASN A 180 -11.64 -3.10 2.53
CA ASN A 180 -12.13 -3.95 3.64
C ASN A 180 -13.20 -4.93 3.12
N GLU A 181 -14.29 -4.42 2.55
CA GLU A 181 -15.49 -5.21 2.15
C GLU A 181 -15.21 -5.99 0.87
N ALA A 182 -14.33 -5.48 0.01
CA ALA A 182 -14.01 -6.06 -1.31
C ALA A 182 -13.48 -7.49 -1.12
N PHE A 183 -12.68 -7.68 -0.08
CA PHE A 183 -11.98 -8.95 0.25
C PHE A 183 -12.94 -10.06 0.68
N TYR A 184 -14.20 -9.76 1.02
CA TYR A 184 -15.18 -10.76 1.55
C TYR A 184 -16.39 -10.90 0.61
N LEU A 185 -16.47 -10.09 -0.45
CA LEU A 185 -17.53 -10.19 -1.48
C LEU A 185 -17.84 -11.66 -1.78
N GLU A 186 -19.13 -12.01 -1.80
CA GLU A 186 -19.60 -13.40 -1.98
C GLU A 186 -19.38 -13.84 -3.43
N ASP A 187 -19.63 -12.92 -4.37
CA ASP A 187 -19.58 -13.12 -5.84
C ASP A 187 -18.68 -12.05 -6.45
N ALA A 188 -17.93 -12.39 -7.50
CA ALA A 188 -17.27 -11.36 -8.35
C ALA A 188 -18.35 -10.56 -9.05
N PRO A 189 -18.28 -9.21 -9.01
CA PRO A 189 -19.31 -8.37 -9.61
C PRO A 189 -19.24 -8.33 -11.14
N LYS A 190 -20.41 -8.26 -11.81
CA LYS A 190 -20.52 -8.17 -13.29
C LYS A 190 -20.15 -6.76 -13.75
N ARG A 191 -20.72 -5.74 -13.12
CA ARG A 191 -20.56 -4.32 -13.48
C ARG A 191 -19.96 -3.60 -12.26
N MET A 192 -18.66 -3.32 -12.32
CA MET A 192 -17.85 -2.83 -11.17
C MET A 192 -17.36 -1.42 -11.48
N LEU A 193 -17.56 -0.51 -10.54
CA LEU A 193 -17.03 0.88 -10.55
C LEU A 193 -16.05 1.02 -9.40
N CYS A 194 -14.76 1.19 -9.68
CA CYS A 194 -13.72 1.59 -8.69
C CYS A 194 -13.56 3.11 -8.70
N VAL A 195 -14.07 3.78 -7.69
CA VAL A 195 -13.87 5.25 -7.52
C VAL A 195 -12.49 5.47 -6.92
N GLY A 196 -11.70 6.40 -7.48
CA GLY A 196 -10.36 6.75 -7.00
C GLY A 196 -9.29 6.53 -8.07
N GLY A 197 -8.11 7.11 -7.89
CA GLY A 197 -6.97 6.96 -8.80
C GLY A 197 -5.67 6.69 -8.06
N GLY A 198 -5.76 6.34 -6.77
CA GLY A 198 -4.62 5.87 -5.98
C GLY A 198 -4.31 4.42 -6.27
N TYR A 199 -3.19 3.91 -5.76
CA TYR A 199 -2.68 2.55 -6.04
C TYR A 199 -3.70 1.47 -5.64
N ILE A 200 -4.54 1.70 -4.63
CA ILE A 200 -5.53 0.68 -4.19
C ILE A 200 -6.63 0.59 -5.26
N ALA A 201 -7.21 1.73 -5.65
CA ALA A 201 -8.18 1.82 -6.75
C ALA A 201 -7.66 1.00 -7.95
N VAL A 202 -6.42 1.28 -8.37
CA VAL A 202 -5.82 0.71 -9.62
C VAL A 202 -5.60 -0.81 -9.45
N GLU A 203 -4.98 -1.24 -8.36
CA GLU A 203 -4.72 -2.68 -8.07
C GLU A 203 -6.04 -3.46 -8.08
N PHE A 204 -7.09 -2.94 -7.44
CA PHE A 204 -8.42 -3.60 -7.33
C PHE A 204 -9.18 -3.58 -8.65
N ALA A 205 -9.07 -2.50 -9.42
CA ALA A 205 -9.57 -2.47 -10.82
C ALA A 205 -9.07 -3.71 -11.55
N GLY A 206 -7.76 -3.96 -11.47
CA GLY A 206 -7.09 -5.10 -12.14
C GLY A 206 -7.60 -6.44 -11.65
N ILE A 207 -7.82 -6.59 -10.34
CA ILE A 207 -8.36 -7.83 -9.72
C ILE A 207 -9.76 -8.08 -10.29
N PHE A 208 -10.66 -7.12 -10.12
CA PHE A 208 -12.08 -7.23 -10.52
C PHE A 208 -12.13 -7.57 -12.01
N ASN A 209 -11.23 -6.96 -12.79
CA ASN A 209 -11.15 -7.13 -14.27
C ASN A 209 -10.79 -8.58 -14.60
N GLY A 210 -9.92 -9.20 -13.81
CA GLY A 210 -9.49 -10.59 -14.00
C GLY A 210 -10.59 -11.57 -13.61
N TYR A 211 -11.32 -11.26 -12.54
CA TYR A 211 -12.37 -12.13 -11.93
C TYR A 211 -13.77 -11.75 -12.38
N LYS A 212 -13.93 -10.72 -13.23
CA LYS A 212 -15.24 -10.35 -13.80
C LYS A 212 -15.84 -11.59 -14.48
N PRO A 213 -17.14 -11.88 -14.29
CA PRO A 213 -17.79 -12.96 -15.03
C PRO A 213 -17.94 -12.61 -16.52
N CYS A 214 -18.29 -13.59 -17.35
CA CYS A 214 -18.50 -13.41 -18.81
C CYS A 214 -19.48 -12.25 -19.03
N GLY A 215 -19.10 -11.31 -19.89
CA GLY A 215 -19.93 -10.16 -20.29
C GLY A 215 -19.77 -8.95 -19.38
N GLY A 216 -19.10 -9.12 -18.24
CA GLY A 216 -18.89 -8.05 -17.24
C GLY A 216 -17.82 -7.05 -17.67
N TYR A 217 -17.65 -5.98 -16.89
CA TYR A 217 -16.73 -4.85 -17.18
C TYR A 217 -16.37 -4.13 -15.88
N VAL A 218 -15.24 -3.41 -15.89
CA VAL A 218 -14.74 -2.57 -14.77
C VAL A 218 -14.50 -1.15 -15.29
N ASP A 219 -15.11 -0.17 -14.66
CA ASP A 219 -14.80 1.27 -14.86
C ASP A 219 -13.93 1.69 -13.68
N LEU A 220 -12.87 2.44 -13.96
CA LEU A 220 -12.08 3.21 -12.98
C LEU A 220 -12.42 4.70 -13.15
N CYS A 221 -12.95 5.33 -12.11
CA CYS A 221 -13.48 6.69 -12.13
C CYS A 221 -12.66 7.57 -11.18
N TYR A 222 -12.00 8.60 -11.71
CA TYR A 222 -11.03 9.44 -10.94
C TYR A 222 -11.39 10.93 -11.03
N ARG A 223 -11.38 11.60 -9.87
CA ARG A 223 -11.58 13.07 -9.67
C ARG A 223 -10.76 13.89 -10.66
N GLY A 224 -9.53 13.48 -10.96
CA GLY A 224 -8.49 14.31 -11.61
C GLY A 224 -8.18 13.92 -13.04
N ASP A 225 -7.17 14.56 -13.63
CA ASP A 225 -6.79 14.38 -15.06
C ASP A 225 -6.11 13.02 -15.27
N LEU A 226 -5.20 12.63 -14.37
CA LEU A 226 -4.28 11.48 -14.60
C LEU A 226 -4.12 10.68 -13.29
N ILE A 227 -4.42 9.38 -13.34
CA ILE A 227 -4.36 8.48 -12.15
C ILE A 227 -2.93 8.44 -11.63
N LEU A 228 -2.78 7.94 -10.39
CA LEU A 228 -1.51 7.74 -9.65
C LEU A 228 -0.75 9.06 -9.51
N ARG A 229 -1.32 10.00 -8.76
CA ARG A 229 -0.63 11.26 -8.38
C ARG A 229 0.69 10.89 -7.69
N GLY A 230 1.71 11.72 -7.86
CA GLY A 230 3.05 11.57 -7.24
C GLY A 230 3.85 10.42 -7.84
N PHE A 231 3.43 9.89 -8.98
CA PHE A 231 4.20 8.89 -9.75
C PHE A 231 4.72 9.56 -11.02
N ASP A 232 5.75 8.94 -11.63
CA ASP A 232 6.34 9.40 -12.91
C ASP A 232 5.19 9.60 -13.91
N THR A 233 5.12 10.80 -14.51
CA THR A 233 4.00 11.24 -15.38
C THR A 233 3.86 10.30 -16.57
N GLU A 234 4.98 9.94 -17.23
CA GLU A 234 4.96 9.12 -18.48
C GLU A 234 4.64 7.66 -18.14
N VAL A 235 5.02 7.21 -16.95
CA VAL A 235 4.63 5.87 -16.39
C VAL A 235 3.11 5.84 -16.19
N ARG A 236 2.53 6.89 -15.63
CA ARG A 236 1.06 6.98 -15.37
C ARG A 236 0.29 6.95 -16.70
N LYS A 237 0.76 7.68 -17.72
CA LYS A 237 0.09 7.75 -19.05
C LYS A 237 0.14 6.36 -19.70
N SER A 238 1.28 5.67 -19.60
CA SER A 238 1.54 4.34 -20.20
C SER A 238 0.67 3.27 -19.53
N LEU A 239 0.46 3.38 -18.23
CA LEU A 239 -0.36 2.41 -17.46
C LEU A 239 -1.83 2.65 -17.79
N THR A 240 -2.25 3.92 -17.79
CA THR A 240 -3.62 4.32 -18.22
C THR A 240 -3.89 3.62 -19.56
N LYS A 241 -2.92 3.68 -20.48
CA LYS A 241 -3.05 3.07 -21.84
C LYS A 241 -3.16 1.55 -21.72
N GLN A 242 -2.48 0.93 -20.76
CA GLN A 242 -2.36 -0.55 -20.71
C GLN A 242 -3.56 -1.14 -19.94
N LEU A 243 -4.11 -0.41 -18.96
CA LEU A 243 -5.39 -0.79 -18.30
C LEU A 243 -6.48 -0.77 -19.38
N GLY A 244 -6.46 0.24 -20.25
CA GLY A 244 -7.40 0.38 -21.38
C GLY A 244 -7.41 -0.89 -22.21
N ALA A 245 -6.23 -1.28 -22.70
CA ALA A 245 -6.03 -2.44 -23.60
C ALA A 245 -6.40 -3.75 -22.90
N ASN A 246 -6.29 -3.81 -21.56
CA ASN A 246 -6.64 -4.98 -20.72
C ASN A 246 -8.14 -5.00 -20.42
N GLY A 247 -8.87 -3.94 -20.76
CA GLY A 247 -10.35 -3.92 -20.78
C GLY A 247 -10.95 -3.06 -19.70
N ILE A 248 -10.13 -2.25 -19.01
CA ILE A 248 -10.60 -1.34 -17.92
C ILE A 248 -10.85 0.03 -18.56
N ARG A 249 -12.09 0.49 -18.51
CA ARG A 249 -12.48 1.83 -19.01
C ARG A 249 -12.08 2.84 -17.93
N VAL A 250 -11.06 3.66 -18.17
CA VAL A 250 -10.63 4.75 -17.24
C VAL A 250 -11.40 6.03 -17.57
N ARG A 251 -11.97 6.65 -16.55
CA ARG A 251 -12.75 7.91 -16.67
C ARG A 251 -12.18 8.94 -15.71
N THR A 252 -11.98 10.17 -16.18
CA THR A 252 -11.21 11.21 -15.44
C THR A 252 -12.11 12.44 -15.27
N ASN A 253 -11.73 13.35 -14.37
CA ASN A 253 -12.50 14.59 -14.10
C ASN A 253 -13.95 14.17 -13.90
N LEU A 254 -14.13 13.08 -13.14
CA LEU A 254 -15.44 12.44 -12.87
C LEU A 254 -15.55 12.03 -11.40
N ASN A 255 -16.71 12.31 -10.82
CA ASN A 255 -17.01 12.16 -9.38
C ASN A 255 -18.49 11.77 -9.28
N PRO A 256 -18.83 10.68 -8.57
CA PRO A 256 -20.24 10.40 -8.26
C PRO A 256 -20.83 11.51 -7.37
N THR A 257 -21.98 12.05 -7.74
CA THR A 257 -22.74 13.04 -6.91
C THR A 257 -23.72 12.30 -6.00
N LYS A 258 -24.20 11.12 -6.40
CA LYS A 258 -25.36 10.45 -5.77
C LYS A 258 -25.38 8.96 -6.14
N ILE A 259 -25.65 8.09 -5.16
CA ILE A 259 -25.91 6.63 -5.37
C ILE A 259 -27.25 6.27 -4.68
N THR A 260 -28.06 5.46 -5.37
CA THR A 260 -29.38 4.96 -4.88
C THR A 260 -29.46 3.46 -5.18
N LYS A 261 -30.25 2.71 -4.41
CA LYS A 261 -30.35 1.22 -4.52
C LYS A 261 -31.49 0.86 -5.47
N ASN A 262 -31.20 0.04 -6.47
CA ASN A 262 -32.19 -0.49 -7.45
C ASN A 262 -32.92 -1.68 -6.80
N GLU A 263 -33.94 -2.22 -7.49
CA GLU A 263 -34.87 -3.26 -6.97
C GLU A 263 -34.16 -4.62 -6.93
N ASP A 264 -33.31 -4.90 -7.92
CA ASP A 264 -32.59 -6.18 -8.10
C ASP A 264 -31.38 -6.27 -7.15
N GLY A 265 -30.86 -5.13 -6.65
CA GLY A 265 -29.73 -5.09 -5.69
C GLY A 265 -28.62 -4.15 -6.14
N SER A 266 -28.48 -3.94 -7.46
CA SER A 266 -27.46 -3.07 -8.10
C SER A 266 -27.59 -1.63 -7.59
N ASN A 267 -26.69 -0.74 -8.02
CA ASN A 267 -26.64 0.67 -7.58
C ASN A 267 -26.73 1.59 -8.80
N HIS A 268 -27.64 2.56 -8.77
CA HIS A 268 -27.69 3.71 -9.72
C HIS A 268 -26.65 4.72 -9.27
N VAL A 269 -25.80 5.19 -10.19
CA VAL A 269 -24.74 6.20 -9.92
C VAL A 269 -24.91 7.40 -10.86
N HIS A 270 -25.26 8.55 -10.29
CA HIS A 270 -25.21 9.88 -10.93
C HIS A 270 -23.78 10.40 -10.79
N PHE A 271 -23.28 11.10 -11.81
CA PHE A 271 -21.91 11.68 -11.90
C PHE A 271 -22.00 13.18 -12.14
N ASN A 272 -20.84 13.86 -12.15
CA ASN A 272 -20.64 15.28 -12.57
C ASN A 272 -21.28 15.57 -13.93
N ASP A 273 -20.86 14.86 -14.97
CA ASP A 273 -21.13 15.17 -16.40
C ASP A 273 -22.63 15.04 -16.71
N GLY A 274 -23.44 14.61 -15.74
CA GLY A 274 -24.90 14.37 -15.88
C GLY A 274 -25.18 12.88 -15.96
N THR A 275 -24.31 12.13 -16.66
CA THR A 275 -24.35 10.65 -16.82
C THR A 275 -24.88 9.96 -15.57
N GLU A 276 -25.80 9.01 -15.77
CA GLU A 276 -26.30 8.05 -14.75
C GLU A 276 -25.91 6.65 -15.21
N GLU A 277 -25.51 5.75 -14.32
CA GLU A 277 -25.17 4.37 -14.72
C GLU A 277 -25.35 3.38 -13.56
N ASP A 278 -25.56 2.11 -13.90
CA ASP A 278 -25.86 1.01 -12.96
C ASP A 278 -24.62 0.12 -12.80
N TYR A 279 -24.28 -0.19 -11.55
CA TYR A 279 -23.13 -1.05 -11.17
C TYR A 279 -23.58 -2.02 -10.07
N ASP A 280 -23.17 -3.28 -10.19
CA ASP A 280 -23.42 -4.38 -9.22
C ASP A 280 -22.71 -4.05 -7.90
N GLN A 281 -21.61 -3.31 -7.97
CA GLN A 281 -20.84 -2.89 -6.78
C GLN A 281 -20.06 -1.61 -7.10
N VAL A 282 -19.81 -0.78 -6.10
CA VAL A 282 -19.10 0.53 -6.23
C VAL A 282 -18.08 0.61 -5.09
N MET A 283 -16.79 0.60 -5.41
CA MET A 283 -15.70 0.52 -4.40
C MET A 283 -14.96 1.86 -4.31
N LEU A 284 -15.04 2.52 -3.15
CA LEU A 284 -14.35 3.81 -2.85
C LEU A 284 -12.93 3.49 -2.39
N ALA A 285 -11.92 4.04 -3.09
CA ALA A 285 -10.50 3.98 -2.71
C ALA A 285 -9.91 5.38 -2.86
N ILE A 286 -10.35 6.30 -2.01
CA ILE A 286 -10.14 7.76 -2.17
C ILE A 286 -9.25 8.27 -1.04
N GLY A 287 -8.57 7.37 -0.35
CA GLY A 287 -7.56 7.71 0.68
C GLY A 287 -7.81 7.00 1.99
N ARG A 288 -6.79 6.99 2.85
CA ARG A 288 -6.83 6.35 4.18
C ARG A 288 -6.32 7.36 5.21
N VAL A 289 -7.10 7.59 6.25
CA VAL A 289 -6.77 8.54 7.37
C VAL A 289 -6.38 7.71 8.60
N PRO A 290 -5.53 8.25 9.49
CA PRO A 290 -5.23 7.58 10.77
C PRO A 290 -6.45 7.18 11.61
N ARG A 291 -6.34 6.10 12.39
CA ARG A 291 -7.27 5.79 13.51
C ARG A 291 -6.70 6.36 14.81
N SER A 292 -7.05 7.61 15.14
CA SER A 292 -6.69 8.26 16.43
C SER A 292 -7.94 8.75 17.15
N GLN A 293 -9.09 8.64 16.47
CA GLN A 293 -10.36 9.33 16.82
C GLN A 293 -11.05 8.63 18.00
N ALA A 294 -10.67 7.39 18.33
CA ALA A 294 -11.24 6.60 19.45
C ALA A 294 -10.17 6.28 20.53
N LEU A 295 -8.91 6.66 20.31
CA LEU A 295 -7.80 6.40 21.25
C LEU A 295 -7.89 7.40 22.41
N GLN A 296 -8.86 8.32 22.34
CA GLN A 296 -8.99 9.54 23.18
C GLN A 296 -7.59 10.04 23.61
N LEU A 297 -6.83 10.50 22.62
CA LEU A 297 -5.46 11.03 22.75
C LEU A 297 -5.48 12.34 23.54
N ASP A 298 -6.57 13.11 23.44
CA ASP A 298 -6.82 14.37 24.19
C ASP A 298 -6.56 14.13 25.69
N LYS A 299 -7.00 12.99 26.24
CA LYS A 299 -6.95 12.67 27.70
C LYS A 299 -5.49 12.57 28.16
N ALA A 300 -4.63 11.87 27.43
CA ALA A 300 -3.18 11.71 27.74
C ALA A 300 -2.40 12.98 27.35
N GLY A 301 -2.97 13.82 26.49
CA GLY A 301 -2.34 15.06 25.99
C GLY A 301 -1.31 14.80 24.91
N VAL A 302 -1.51 13.79 24.05
CA VAL A 302 -0.62 13.52 22.88
C VAL A 302 -1.11 14.35 21.69
N ARG A 303 -0.15 14.88 20.93
CA ARG A 303 -0.37 15.95 19.92
C ARG A 303 -0.90 15.31 18.62
N THR A 304 -2.08 15.77 18.17
CA THR A 304 -2.76 15.42 16.88
C THR A 304 -2.56 16.57 15.88
N GLY A 305 -2.97 16.40 14.63
CA GLY A 305 -2.93 17.48 13.62
C GLY A 305 -3.70 17.11 12.36
N LYS A 306 -3.01 17.15 11.21
CA LYS A 306 -3.51 16.84 9.85
C LYS A 306 -4.27 15.50 9.82
N ASN A 307 -5.59 15.50 10.08
CA ASN A 307 -6.52 14.35 9.89
C ASN A 307 -6.32 13.30 11.00
N GLY A 308 -5.97 13.72 12.22
CA GLY A 308 -5.75 12.82 13.37
C GLY A 308 -4.36 12.20 13.38
N ALA A 309 -3.50 12.54 12.42
CA ALA A 309 -2.09 12.14 12.43
C ALA A 309 -1.56 12.37 13.84
N VAL A 310 -0.81 11.42 14.38
CA VAL A 310 -0.07 11.62 15.66
C VAL A 310 1.21 12.41 15.32
N GLN A 311 1.28 13.67 15.77
CA GLN A 311 2.48 14.53 15.65
C GLN A 311 3.62 13.83 16.39
N VAL A 312 4.77 13.70 15.74
CA VAL A 312 5.85 12.76 16.12
C VAL A 312 7.19 13.34 15.67
N ASP A 313 8.26 13.19 16.46
CA ASP A 313 9.61 13.67 16.05
C ASP A 313 10.26 12.57 15.20
N ALA A 314 11.54 12.73 14.86
CA ALA A 314 12.30 11.80 13.99
C ALA A 314 12.33 10.40 14.59
N TYR A 315 12.41 10.30 15.93
CA TYR A 315 12.61 9.05 16.70
C TYR A 315 11.25 8.51 17.17
N SER A 316 10.16 9.05 16.61
CA SER A 316 8.75 8.55 16.67
C SER A 316 8.05 8.96 17.98
N LYS A 317 8.64 9.87 18.75
CA LYS A 317 8.16 10.31 20.09
C LYS A 317 7.05 11.37 19.94
N THR A 318 5.93 11.22 20.65
CA THR A 318 4.83 12.22 20.68
C THR A 318 5.21 13.39 21.58
N SER A 319 4.27 14.30 21.85
CA SER A 319 4.41 15.41 22.82
C SER A 319 4.69 14.89 24.24
N VAL A 320 4.17 13.72 24.61
CA VAL A 320 4.42 13.04 25.92
C VAL A 320 5.66 12.13 25.74
N ASP A 321 6.63 12.20 26.66
CA ASP A 321 8.00 11.62 26.49
C ASP A 321 7.99 10.09 26.37
N ASN A 322 7.10 9.44 27.13
CA ASN A 322 7.03 7.97 27.29
C ASN A 322 6.09 7.37 26.23
N ILE A 323 5.34 8.21 25.53
CA ILE A 323 4.40 7.75 24.47
C ILE A 323 5.00 8.05 23.10
N TYR A 324 5.15 7.02 22.28
CA TYR A 324 5.66 7.06 20.89
C TYR A 324 4.53 6.60 19.97
N ALA A 325 4.67 6.83 18.66
CA ALA A 325 3.68 6.43 17.64
C ALA A 325 4.38 6.21 16.30
N ILE A 326 4.10 5.06 15.68
CA ILE A 326 4.71 4.65 14.39
C ILE A 326 3.60 4.24 13.42
N GLY A 327 4.00 4.04 12.17
CA GLY A 327 3.14 3.49 11.10
C GLY A 327 2.20 4.54 10.56
N ASP A 328 1.17 4.08 9.86
CA ASP A 328 0.18 4.88 9.11
C ASP A 328 -0.49 5.89 10.05
N VAL A 329 -0.52 5.64 11.35
CA VAL A 329 -1.23 6.57 12.29
C VAL A 329 -0.48 7.91 12.31
N THR A 330 0.80 7.94 11.92
CA THR A 330 1.64 9.17 11.88
C THR A 330 1.40 9.94 10.56
N ASN A 331 1.01 9.24 9.48
CA ASN A 331 0.57 9.79 8.17
C ASN A 331 1.78 10.33 7.41
N ARG A 332 2.96 9.71 7.59
CA ARG A 332 4.15 9.88 6.70
C ARG A 332 3.94 8.96 5.49
N VAL A 333 4.91 8.08 5.20
CA VAL A 333 4.83 7.06 4.11
C VAL A 333 4.05 5.88 4.67
N MET A 334 2.89 5.54 4.09
CA MET A 334 1.99 4.46 4.59
C MET A 334 2.32 3.14 3.87
N LEU A 335 3.45 2.53 4.26
CA LEU A 335 3.92 1.21 3.77
C LEU A 335 4.30 0.34 4.98
N THR A 336 4.05 -0.96 4.86
CA THR A 336 4.41 -1.99 5.87
C THR A 336 5.88 -1.89 6.25
N PRO A 337 6.85 -2.00 5.31
CA PRO A 337 8.26 -2.08 5.66
C PRO A 337 8.80 -0.83 6.37
N VAL A 338 8.14 0.31 6.15
CA VAL A 338 8.46 1.59 6.84
C VAL A 338 8.07 1.42 8.33
N ALA A 339 6.79 1.20 8.61
CA ALA A 339 6.28 0.93 9.98
C ALA A 339 7.19 -0.09 10.67
N ILE A 340 7.54 -1.19 10.00
CA ILE A 340 8.42 -2.24 10.60
C ILE A 340 9.75 -1.59 10.98
N ASN A 341 10.29 -0.75 10.11
CA ASN A 341 11.60 -0.09 10.38
C ASN A 341 11.44 0.89 11.55
N GLU A 342 10.36 1.67 11.61
CA GLU A 342 10.07 2.64 12.70
C GLU A 342 9.98 1.91 14.04
N GLY A 343 9.31 0.77 14.07
CA GLY A 343 9.11 -0.05 15.28
C GLY A 343 10.43 -0.59 15.76
N ALA A 344 11.24 -1.11 14.83
CA ALA A 344 12.58 -1.68 15.09
C ALA A 344 13.47 -0.59 15.70
N ALA A 345 13.42 0.61 15.12
CA ALA A 345 14.21 1.80 15.49
C ALA A 345 13.68 2.45 16.78
N PHE A 346 12.46 2.11 17.17
CA PHE A 346 11.86 2.54 18.47
C PHE A 346 12.46 1.71 19.60
N VAL A 347 12.54 0.38 19.40
CA VAL A 347 13.03 -0.57 20.44
C VAL A 347 14.52 -0.32 20.65
N GLU A 348 15.28 -0.08 19.58
CA GLU A 348 16.74 0.21 19.61
C GLU A 348 16.99 1.52 20.39
N THR A 349 16.19 2.55 20.09
CA THR A 349 16.24 3.91 20.72
C THR A 349 16.00 3.80 22.22
N VAL A 350 14.81 3.32 22.62
CA VAL A 350 14.32 3.27 24.03
C VAL A 350 15.00 2.12 24.77
N PHE A 351 14.81 0.87 24.33
CA PHE A 351 15.22 -0.34 25.08
C PHE A 351 16.64 -0.78 24.74
N GLY A 352 17.10 -0.52 23.51
CA GLY A 352 18.46 -0.91 23.05
C GLY A 352 19.54 -0.03 23.66
N GLY A 353 19.22 1.24 23.95
CA GLY A 353 20.20 2.28 24.31
C GLY A 353 20.78 2.98 23.09
N LYS A 354 20.79 2.32 21.92
CA LYS A 354 21.46 2.76 20.67
C LYS A 354 20.45 3.49 19.78
N PRO A 355 20.33 4.85 19.86
CA PRO A 355 19.26 5.56 19.14
C PRO A 355 19.44 5.49 17.62
N ARG A 356 18.32 5.44 16.90
CA ARG A 356 18.26 5.48 15.42
C ARG A 356 16.90 6.01 14.99
N ALA A 357 16.88 6.86 13.97
CA ALA A 357 15.64 7.37 13.34
C ALA A 357 15.51 6.70 11.97
N THR A 358 14.31 6.25 11.62
CA THR A 358 14.03 5.64 10.29
C THR A 358 14.42 6.67 9.22
N ASP A 359 15.05 6.19 8.14
CA ASP A 359 15.46 6.99 6.95
C ASP A 359 14.35 6.90 5.89
N HIS A 360 13.62 8.00 5.66
CA HIS A 360 12.38 8.03 4.83
C HIS A 360 12.68 8.34 3.36
N THR A 361 13.90 8.77 3.03
CA THR A 361 14.32 9.16 1.66
C THR A 361 14.58 7.89 0.84
N LYS A 362 14.42 8.01 -0.49
CA LYS A 362 14.64 6.96 -1.51
C LYS A 362 14.34 5.57 -0.92
N VAL A 363 13.11 5.39 -0.45
CA VAL A 363 12.52 4.05 -0.12
C VAL A 363 11.73 3.58 -1.34
N ALA A 364 12.12 2.44 -1.92
CA ALA A 364 11.45 1.84 -3.09
C ALA A 364 10.07 1.33 -2.67
N CYS A 365 9.06 1.53 -3.50
CA CYS A 365 7.73 0.90 -3.35
C CYS A 365 7.28 0.34 -4.71
N ALA A 366 6.13 -0.32 -4.74
CA ALA A 366 5.56 -0.94 -5.96
C ALA A 366 4.04 -0.75 -6.02
N VAL A 367 3.48 -0.76 -7.23
CA VAL A 367 2.01 -0.89 -7.45
C VAL A 367 1.79 -2.23 -8.13
N PHE A 368 0.94 -3.09 -7.56
CA PHE A 368 0.65 -4.43 -8.11
C PHE A 368 -0.55 -4.28 -9.03
N SER A 369 -0.43 -3.30 -9.93
CA SER A 369 -1.27 -3.13 -11.13
C SER A 369 -0.95 -4.22 -12.14
N ILE A 370 -1.73 -4.32 -13.21
CA ILE A 370 -1.41 -5.22 -14.36
C ILE A 370 -1.33 -4.35 -15.61
N PRO A 371 -0.13 -3.96 -16.09
CA PRO A 371 1.14 -4.41 -15.51
C PRO A 371 1.63 -3.60 -14.31
N PRO A 372 2.60 -4.12 -13.52
CA PRO A 372 3.04 -3.48 -12.28
C PRO A 372 4.05 -2.33 -12.44
N ILE A 373 4.18 -1.53 -11.38
CA ILE A 373 5.10 -0.37 -11.26
C ILE A 373 6.13 -0.64 -10.15
N GLY A 374 7.41 -0.34 -10.42
CA GLY A 374 8.46 -0.28 -9.40
C GLY A 374 9.11 1.08 -9.40
N THR A 375 9.09 1.80 -8.28
CA THR A 375 9.62 3.17 -8.18
C THR A 375 10.45 3.32 -6.91
N CYS A 376 11.49 4.16 -6.98
CA CYS A 376 12.37 4.55 -5.86
C CYS A 376 12.90 5.95 -6.12
N GLY A 377 12.79 6.85 -5.15
CA GLY A 377 13.30 8.22 -5.31
C GLY A 377 12.31 9.11 -6.05
N MET A 378 12.78 10.20 -6.65
CA MET A 378 11.91 11.38 -6.95
C MET A 378 11.53 11.44 -8.44
N THR A 379 10.35 11.98 -8.72
CA THR A 379 9.87 12.32 -10.08
C THR A 379 10.79 13.41 -10.64
N GLU A 380 10.82 13.59 -11.96
CA GLU A 380 11.59 14.69 -12.62
C GLU A 380 10.95 16.03 -12.23
N GLU A 381 9.65 16.07 -11.95
CA GLU A 381 8.92 17.30 -11.54
C GLU A 381 9.53 17.87 -10.26
N GLU A 382 9.77 17.05 -9.23
CA GLU A 382 10.30 17.56 -7.93
C GLU A 382 11.84 17.65 -8.00
N ALA A 383 12.51 16.76 -8.75
CA ALA A 383 13.98 16.88 -9.00
C ALA A 383 14.28 18.25 -9.61
N ALA A 384 13.49 18.69 -10.60
CA ALA A 384 13.72 19.95 -11.36
C ALA A 384 13.50 21.17 -10.45
N LYS A 385 12.78 20.98 -9.33
CA LYS A 385 12.51 22.05 -8.32
C LYS A 385 13.69 22.16 -7.35
N ASN A 386 14.15 21.03 -6.80
CA ASN A 386 15.14 20.99 -5.68
C ASN A 386 16.59 20.90 -6.21
N TYR A 387 16.81 20.90 -7.53
CA TYR A 387 18.14 20.68 -8.16
C TYR A 387 18.33 21.63 -9.35
N GLU A 388 19.50 22.25 -9.41
CA GLU A 388 19.88 23.23 -10.45
C GLU A 388 19.66 22.57 -11.82
N THR A 389 20.51 21.59 -12.12
CA THR A 389 20.57 20.90 -13.44
C THR A 389 20.19 19.43 -13.24
N VAL A 390 19.29 18.92 -14.08
CA VAL A 390 18.67 17.57 -13.96
C VAL A 390 18.66 16.91 -15.34
N ALA A 391 19.24 15.70 -15.45
CA ALA A 391 19.21 14.84 -16.64
C ALA A 391 18.07 13.83 -16.45
N VAL A 392 17.29 13.60 -17.49
CA VAL A 392 16.22 12.57 -17.53
C VAL A 392 16.59 11.54 -18.60
N TYR A 393 16.99 10.34 -18.18
CA TYR A 393 17.24 9.15 -19.04
C TYR A 393 15.91 8.44 -19.16
N ALA A 394 15.59 7.88 -20.33
CA ALA A 394 14.28 7.24 -20.61
C ALA A 394 14.41 6.24 -21.75
N SER A 395 13.79 5.07 -21.60
CA SER A 395 13.82 3.95 -22.56
C SER A 395 12.55 3.12 -22.40
N SER A 396 11.89 2.82 -23.52
CA SER A 396 10.67 2.00 -23.57
C SER A 396 10.89 0.94 -24.65
N PHE A 397 10.60 -0.32 -24.36
CA PHE A 397 10.71 -1.43 -25.33
C PHE A 397 9.61 -2.45 -25.07
N THR A 398 9.32 -3.27 -26.07
CA THR A 398 8.36 -4.40 -25.99
C THR A 398 9.15 -5.70 -26.02
N PRO A 399 9.26 -6.45 -24.90
CA PRO A 399 9.99 -7.72 -24.87
C PRO A 399 9.55 -8.65 -26.00
N LEU A 400 10.49 -9.34 -26.65
CA LEU A 400 10.22 -10.02 -27.94
C LEU A 400 9.09 -11.05 -27.75
N MET A 401 9.01 -11.63 -26.56
CA MET A 401 7.99 -12.66 -26.21
C MET A 401 6.56 -12.16 -26.46
N HIS A 402 6.33 -10.85 -26.54
CA HIS A 402 4.97 -10.28 -26.76
C HIS A 402 4.66 -10.22 -28.26
N ASN A 403 5.67 -10.41 -29.11
CA ASN A 403 5.45 -10.63 -30.57
C ASN A 403 4.74 -11.98 -30.72
N ILE A 404 4.97 -12.91 -29.79
CA ILE A 404 4.36 -14.27 -29.79
C ILE A 404 3.08 -14.28 -28.96
N SER A 405 3.09 -13.64 -27.78
CA SER A 405 1.99 -13.71 -26.78
C SER A 405 0.73 -13.01 -27.30
N GLY A 406 0.89 -12.03 -28.19
CA GLY A 406 -0.20 -11.18 -28.67
C GLY A 406 -0.35 -9.94 -27.82
N SER A 407 0.27 -9.87 -26.65
CA SER A 407 0.16 -8.69 -25.75
C SER A 407 1.14 -7.60 -26.19
N LYS A 408 0.89 -6.95 -27.35
CA LYS A 408 1.82 -5.96 -27.96
C LYS A 408 1.70 -4.61 -27.25
N HIS A 409 0.65 -4.42 -26.45
CA HIS A 409 0.43 -3.22 -25.59
C HIS A 409 1.42 -3.17 -24.43
N LYS A 410 2.08 -4.28 -24.07
CA LYS A 410 2.89 -4.40 -22.83
C LYS A 410 4.29 -3.82 -23.06
N GLU A 411 4.34 -2.51 -23.31
CA GLU A 411 5.57 -1.70 -23.30
C GLU A 411 6.17 -1.78 -21.88
N PHE A 412 7.39 -2.29 -21.76
CA PHE A 412 8.21 -2.15 -20.54
C PHE A 412 8.94 -0.81 -20.58
N MET A 413 8.84 -0.01 -19.50
CA MET A 413 9.33 1.39 -19.44
C MET A 413 10.31 1.54 -18.27
N ILE A 414 11.46 2.17 -18.50
CA ILE A 414 12.41 2.64 -17.46
C ILE A 414 12.74 4.12 -17.69
N ARG A 415 12.59 4.93 -16.64
CA ARG A 415 13.06 6.33 -16.63
C ARG A 415 13.97 6.51 -15.43
N ILE A 416 15.16 7.09 -15.64
CA ILE A 416 16.08 7.45 -14.53
C ILE A 416 16.18 8.97 -14.46
N ILE A 417 16.18 9.54 -13.27
CA ILE A 417 16.35 11.00 -13.03
C ILE A 417 17.70 11.23 -12.32
N THR A 418 18.53 12.11 -12.90
CA THR A 418 19.93 12.38 -12.50
C THR A 418 20.01 13.81 -11.96
N ASN A 419 21.03 14.06 -11.12
CA ASN A 419 21.65 15.39 -10.91
C ASN A 419 22.80 15.49 -11.91
N GLU A 420 22.69 16.37 -12.91
CA GLU A 420 23.74 16.65 -13.91
C GLU A 420 25.09 16.87 -13.20
N SER A 421 25.11 17.72 -12.17
CA SER A 421 26.34 18.09 -11.40
C SER A 421 27.28 16.89 -11.30
N ASN A 422 26.82 15.81 -10.67
CA ASN A 422 27.67 14.71 -10.13
C ASN A 422 27.24 13.34 -10.66
N GLY A 423 26.14 13.26 -11.42
CA GLY A 423 25.60 12.01 -12.00
C GLY A 423 24.72 11.23 -11.04
N GLU A 424 24.55 11.69 -9.80
CA GLU A 424 23.81 10.92 -8.77
C GLU A 424 22.46 10.51 -9.35
N VAL A 425 21.98 9.31 -9.01
CA VAL A 425 20.62 8.82 -9.42
C VAL A 425 19.64 9.24 -8.33
N LEU A 426 18.69 10.12 -8.68
CA LEU A 426 17.71 10.76 -7.77
C LEU A 426 16.40 9.98 -7.80
N GLY A 427 16.15 9.24 -8.88
CA GLY A 427 14.88 8.54 -9.09
C GLY A 427 14.97 7.48 -10.19
N VAL A 428 14.32 6.34 -9.97
CA VAL A 428 14.19 5.26 -10.99
C VAL A 428 12.72 4.82 -11.00
N HIS A 429 12.12 4.80 -12.17
CA HIS A 429 10.66 4.62 -12.39
C HIS A 429 10.46 3.60 -13.50
N MET A 430 9.99 2.40 -13.15
CA MET A 430 9.81 1.28 -14.08
C MET A 430 8.34 0.86 -14.11
N LEU A 431 7.84 0.56 -15.30
CA LEU A 431 6.51 -0.04 -15.55
C LEU A 431 6.71 -1.34 -16.32
N GLY A 432 6.13 -2.44 -15.85
CA GLY A 432 6.17 -3.71 -16.60
C GLY A 432 6.45 -4.91 -15.71
N ASP A 433 6.13 -6.09 -16.23
CA ASP A 433 6.27 -7.36 -15.49
C ASP A 433 7.66 -7.38 -14.86
N SER A 434 7.73 -7.73 -13.57
CA SER A 434 8.96 -7.96 -12.76
C SER A 434 9.48 -6.66 -12.12
N ALA A 435 8.86 -5.51 -12.37
CA ALA A 435 9.36 -4.20 -11.90
C ALA A 435 9.53 -4.19 -10.39
N PRO A 436 8.54 -4.63 -9.57
CA PRO A 436 8.66 -4.60 -8.11
C PRO A 436 9.84 -5.40 -7.56
N GLU A 437 10.22 -6.46 -8.27
CA GLU A 437 11.38 -7.30 -7.91
C GLU A 437 12.66 -6.53 -8.23
N ILE A 438 12.73 -5.91 -9.41
CA ILE A 438 13.94 -5.22 -9.91
C ILE A 438 14.21 -4.00 -9.01
N ILE A 439 13.18 -3.29 -8.59
CA ILE A 439 13.34 -1.97 -7.91
C ILE A 439 13.94 -2.18 -6.53
N GLN A 440 13.72 -3.34 -5.92
CA GLN A 440 14.18 -3.62 -4.53
C GLN A 440 15.69 -3.41 -4.49
N SER A 441 16.40 -4.03 -5.42
CA SER A 441 17.88 -4.00 -5.52
C SER A 441 18.33 -2.66 -6.12
N VAL A 442 17.49 -1.98 -6.91
CA VAL A 442 17.75 -0.57 -7.30
C VAL A 442 17.80 0.28 -6.02
N GLY A 443 16.88 0.03 -5.09
CA GLY A 443 16.79 0.74 -3.80
C GLY A 443 18.03 0.63 -2.95
N ILE A 444 18.87 -0.40 -3.18
CA ILE A 444 20.15 -0.63 -2.44
C ILE A 444 21.22 0.28 -3.04
N CYS A 445 21.34 0.30 -4.37
CA CYS A 445 22.25 1.17 -5.16
C CYS A 445 21.99 2.62 -4.77
N MET A 446 20.71 3.01 -4.69
CA MET A 446 20.29 4.42 -4.51
C MET A 446 20.60 4.84 -3.06
N LYS A 447 20.49 3.90 -2.12
CA LYS A 447 20.92 4.03 -0.72
C LYS A 447 22.43 4.30 -0.66
N MET A 448 23.23 3.58 -1.44
CA MET A 448 24.71 3.72 -1.53
C MET A 448 25.10 4.91 -2.41
N GLY A 449 24.15 5.74 -2.84
CA GLY A 449 24.41 6.97 -3.62
C GLY A 449 24.91 6.68 -5.03
N ALA A 450 24.28 5.74 -5.72
CA ALA A 450 24.70 5.30 -7.06
C ALA A 450 24.59 6.48 -8.04
N LYS A 451 25.63 6.68 -8.84
CA LYS A 451 25.63 7.60 -10.00
C LYS A 451 25.18 6.79 -11.22
N ILE A 452 24.75 7.47 -12.28
CA ILE A 452 24.38 6.85 -13.58
C ILE A 452 25.58 6.07 -14.12
N SER A 453 26.82 6.55 -13.90
CA SER A 453 28.10 5.83 -14.15
C SER A 453 27.99 4.37 -13.72
N ASP A 454 27.51 4.16 -12.48
CA ASP A 454 27.50 2.85 -11.78
C ASP A 454 26.55 1.89 -12.50
N PHE A 455 25.49 2.42 -13.11
CA PHE A 455 24.53 1.62 -13.90
C PHE A 455 25.21 1.16 -15.18
N HIS A 456 25.54 2.08 -16.10
CA HIS A 456 25.95 1.71 -17.47
C HIS A 456 27.33 1.03 -17.45
N SER A 457 28.04 1.00 -16.31
CA SER A 457 29.38 0.34 -16.22
C SER A 457 29.23 -1.12 -15.79
N THR A 458 27.99 -1.57 -15.57
CA THR A 458 27.66 -2.93 -15.09
C THR A 458 27.37 -3.80 -16.32
N ILE A 459 28.14 -4.87 -16.52
CA ILE A 459 27.85 -5.93 -17.52
C ILE A 459 26.41 -6.39 -17.28
N GLY A 460 25.61 -6.52 -18.34
CA GLY A 460 24.18 -6.87 -18.27
C GLY A 460 23.94 -8.36 -18.14
N VAL A 461 22.69 -8.74 -17.86
CA VAL A 461 22.21 -10.15 -17.78
C VAL A 461 21.23 -10.36 -18.93
N HIS A 462 21.58 -11.19 -19.90
CA HIS A 462 20.81 -11.37 -21.16
C HIS A 462 20.14 -12.75 -21.18
N PRO A 463 18.93 -12.91 -21.75
CA PRO A 463 18.03 -11.80 -22.04
C PRO A 463 17.19 -11.49 -20.80
N THR A 464 17.05 -10.20 -20.46
CA THR A 464 16.30 -9.71 -19.27
C THR A 464 15.69 -8.34 -19.57
N SER A 465 14.71 -7.92 -18.77
CA SER A 465 14.08 -6.57 -18.85
C SER A 465 14.91 -5.57 -18.04
N ALA A 466 15.45 -5.99 -16.90
CA ALA A 466 16.36 -5.23 -16.03
C ALA A 466 17.68 -4.84 -16.73
N GLU A 467 18.19 -5.59 -17.72
CA GLU A 467 19.50 -5.27 -18.35
C GLU A 467 19.45 -3.92 -19.06
N GLU A 468 18.24 -3.40 -19.30
CA GLU A 468 18.04 -2.09 -19.96
C GLU A 468 18.36 -0.95 -18.98
N LEU A 469 18.52 -1.21 -17.68
CA LEU A 469 19.05 -0.21 -16.70
C LEU A 469 20.49 0.16 -17.06
N CYS A 470 21.26 -0.80 -17.55
CA CYS A 470 22.72 -0.67 -17.78
C CYS A 470 23.00 -0.29 -19.24
N SER A 471 21.97 0.10 -20.01
CA SER A 471 22.08 0.49 -21.44
C SER A 471 21.59 1.93 -21.64
N MET A 472 21.57 2.74 -20.58
CA MET A 472 21.05 4.13 -20.62
C MET A 472 22.18 5.12 -20.32
N ARG A 473 22.81 5.63 -21.38
CA ARG A 473 24.02 6.51 -21.39
C ARG A 473 23.64 7.95 -21.74
N THR A 474 22.91 8.17 -22.84
CA THR A 474 22.56 9.52 -23.36
C THR A 474 21.24 9.96 -22.75
N PRO A 475 21.18 11.11 -22.04
CA PRO A 475 19.91 11.62 -21.51
C PRO A 475 18.93 11.88 -22.66
N ALA A 476 17.63 11.65 -22.45
CA ALA A 476 16.54 11.99 -23.40
C ALA A 476 16.38 13.51 -23.49
N TYR A 477 16.50 14.20 -22.34
CA TYR A 477 16.44 15.68 -22.20
C TYR A 477 16.82 16.05 -20.75
N PHE A 478 16.83 17.36 -20.44
CA PHE A 478 17.32 17.92 -19.16
C PHE A 478 16.31 18.87 -18.52
N TYR A 479 16.71 19.47 -17.40
CA TYR A 479 16.03 20.61 -16.73
C TYR A 479 17.11 21.50 -16.11
N GLU A 480 17.36 22.72 -16.63
CA GLU A 480 18.19 23.74 -15.91
C GLU A 480 17.27 24.83 -15.34
N SER A 481 17.46 25.14 -14.06
CA SER A 481 16.61 26.06 -13.25
C SER A 481 15.13 25.70 -13.46
N GLY A 482 14.82 24.40 -13.40
CA GLY A 482 13.45 23.87 -13.27
C GLY A 482 12.59 24.06 -14.50
N LYS A 483 13.16 24.46 -15.65
CA LYS A 483 12.45 24.52 -16.95
C LYS A 483 13.06 23.48 -17.90
N ARG A 484 12.21 22.72 -18.60
CA ARG A 484 12.61 21.64 -19.54
C ARG A 484 13.42 22.26 -20.69
N VAL A 485 14.53 21.64 -21.09
CA VAL A 485 15.35 22.06 -22.28
C VAL A 485 15.71 20.84 -23.14
N GLU A 486 15.53 20.99 -24.46
CA GLU A 486 15.93 20.02 -25.51
C GLU A 486 17.34 19.47 -25.19
N LYS A 487 18.28 20.34 -24.85
CA LYS A 487 19.75 20.08 -24.82
C LYS A 487 20.37 21.09 -23.85
N LEU A 488 21.63 20.89 -23.45
CA LEU A 488 22.20 21.55 -22.24
C LEU A 488 23.11 22.73 -22.64
N SER A 489 23.02 23.81 -21.87
CA SER A 489 23.70 25.12 -22.09
C SER A 489 25.22 24.91 -22.21
PA FAD B . -1.59 -1.77 10.73
O1A FAD B . -0.74 -2.81 10.07
O2A FAD B . -2.79 -1.26 10.02
O5B FAD B . -2.03 -2.32 12.17
C5B FAD B . -3.01 -1.55 12.92
C4B FAD B . -3.77 -2.47 13.84
O4B FAD B . -4.33 -1.68 14.92
C3B FAD B . -4.97 -3.20 13.20
O3B FAD B . -4.83 -4.61 13.32
C2B FAD B . -6.20 -2.68 13.97
O2B FAD B . -7.18 -3.68 14.18
C1B FAD B . -5.57 -2.23 15.28
N9A FAD B . -6.31 -1.20 16.00
C8A FAD B . -6.95 -0.10 15.50
N7A FAD B . -7.53 0.62 16.43
C5A FAD B . -7.26 -0.04 17.62
C6A FAD B . -7.59 0.21 18.96
N6A FAD B . -8.32 1.25 19.36
N1A FAD B . -7.16 -0.67 19.88
C2A FAD B . -6.44 -1.72 19.48
N3A FAD B . -6.06 -2.06 18.26
C4A FAD B . -6.50 -1.17 17.37
N1 FAD B . 1.99 -1.61 2.06
C2 FAD B . 3.04 -2.14 1.38
O2 FAD B . 4.22 -1.95 1.72
N3 FAD B . 2.85 -2.90 0.27
C4 FAD B . 1.60 -3.18 -0.22
O4 FAD B . 1.51 -3.87 -1.22
C4X FAD B . 0.48 -2.65 0.46
N5 FAD B . -0.72 -2.92 0.02
C5X FAD B . -1.79 -2.41 0.71
C6 FAD B . -3.09 -2.70 0.27
C7 FAD B . -4.20 -2.24 0.93
C7M FAD B . -5.59 -2.57 0.42
C8 FAD B . -4.04 -1.44 2.09
C8M FAD B . -5.24 -0.92 2.82
C9 FAD B . -2.77 -1.14 2.53
C9A FAD B . -1.63 -1.61 1.87
N10 FAD B . -0.32 -1.35 2.30
C10 FAD B . 0.77 -1.86 1.63
C1' FAD B . -0.11 -0.50 3.49
C2' FAD B . -0.02 -1.32 4.74
O2' FAD B . -1.19 -2.11 4.94
C3' FAD B . 0.17 -0.37 5.92
O3' FAD B . 1.14 0.64 5.59
C4' FAD B . 0.62 -1.07 7.19
O4' FAD B . -0.31 -2.10 7.52
C5' FAD B . 0.75 -0.09 8.34
O5' FAD B . 1.16 -0.78 9.53
P FAD B . 0.84 -0.10 10.94
O1P FAD B . 1.71 -0.79 11.93
O2P FAD B . 0.91 1.38 10.79
O3P FAD B . -0.70 -0.50 11.16
S SO4 C . 0.78 7.10 38.04
O1 SO4 C . 0.44 7.86 39.21
O2 SO4 C . 1.54 5.94 38.43
O3 SO4 C . -0.42 6.69 37.35
O4 SO4 C . 1.58 7.91 37.16
S SO4 D . -6.53 13.06 -5.32
O1 SO4 D . -7.92 12.73 -5.15
O2 SO4 D . -5.75 12.46 -4.26
O3 SO4 D . -6.07 12.55 -6.57
O4 SO4 D . -6.35 14.49 -5.29
S SO4 E . -11.63 -13.65 16.64
O1 SO4 E . -12.14 -14.95 16.25
O2 SO4 E . -11.21 -13.68 18.02
O3 SO4 E . -10.52 -13.29 15.82
O4 SO4 E . -12.68 -12.66 16.49
S SO4 F . -13.94 -15.58 7.20
O1 SO4 F . -14.19 -16.98 7.39
O2 SO4 F . -14.13 -14.88 8.45
O3 SO4 F . -14.84 -15.03 6.22
O4 SO4 F . -12.58 -15.40 6.77
S SO4 G . -0.25 15.76 -10.66
O1 SO4 G . -0.67 16.34 -9.41
O2 SO4 G . 0.90 14.92 -10.43
O3 SO4 G . -1.32 14.97 -11.22
O4 SO4 G . 0.09 16.81 -11.59
S SO4 H . 21.91 5.60 -25.28
O1 SO4 H . 20.98 5.71 -24.19
O2 SO4 H . 22.38 4.25 -25.38
O3 SO4 H . 21.26 5.99 -26.51
O4 SO4 H . 23.02 6.48 -25.03
C1 GOL I . 3.47 -8.93 -10.25
O1 GOL I . 2.86 -10.08 -9.63
C2 GOL I . 4.84 -9.25 -10.81
O2 GOL I . 4.89 -8.92 -12.20
C3 GOL I . 5.97 -8.56 -10.07
O3 GOL I . 7.04 -9.45 -9.78
C1 GOL J . 27.40 17.44 -4.04
O1 GOL J . 27.36 16.31 -3.18
C2 GOL J . 27.76 17.06 -5.45
O2 GOL J . 27.35 18.09 -6.34
C3 GOL J . 29.25 16.77 -5.66
O3 GOL J . 29.51 15.38 -5.74
C27 MWW K . 10.56 -18.41 19.80
C12 MWW K . 3.73 -15.59 9.37
C13 MWW K . 9.65 -12.92 13.48
C11 MWW K . 4.52 -16.66 8.44
C15 MWW K . 3.66 -17.83 7.70
C25 MWW K . 9.22 -18.42 19.02
C01 MWW K . 2.16 -19.92 6.38
C02 MWW K . 1.67 -19.36 7.56
C03 MWW K . 3.38 -19.45 5.85
C04 MWW K . 2.41 -18.34 8.21
C05 MWW K . 4.10 -18.42 6.50
C06 MWW K . 5.94 -17.64 15.81
C07 MWW K . 5.48 -17.02 14.59
C08 MWW K . 5.21 -13.91 10.55
C09 MWW K . 7.98 -16.60 15.48
C10 MWW K . 9.42 -14.28 14.28
N14 MWW K . 4.94 -16.01 11.56
C16 MWW K . 4.63 -15.15 10.48
C17 MWW K . 7.24 -17.42 16.28
C18 MWW K . 7.57 -15.98 14.30
C19 MWW K . 6.28 -16.15 13.77
C20 MWW K . 5.74 -15.56 12.51
O21 MWW K . 8.49 -15.18 13.63
S22 MWW K . 6.14 -13.87 11.99
N26 MWW K . 7.68 -18.03 17.48
N28 MWW K . 8.14 -19.08 19.41
C29 MWW K . 10.44 -17.47 21.03
N30 MWW K . 10.91 -16.72 24.02
C31 MWW K . 11.81 -17.31 21.74
C33 MWW K . 11.72 -16.26 22.88
C34 MWW K . 8.95 -11.69 14.14
C35 MWW K . 9.06 -10.49 13.17
C36 MWW K . 8.34 -9.28 13.75
C38 MWW K . 7.47 -11.98 14.51
C37 MWW K . 6.66 -10.73 14.87
C23 MWW K . 9.02 -17.78 17.90
N24 MWW K . 7.24 -18.86 18.51
N32 MWW K . 6.91 -9.64 13.91
#